data_6HHD
#
_entry.id   6HHD
#
_cell.length_a   59.130
_cell.length_b   63.798
_cell.length_c   69.792
_cell.angle_alpha   90.00
_cell.angle_beta   101.96
_cell.angle_gamma   90.00
#
_symmetry.space_group_name_H-M   'P 1 21 1'
#
loop_
_entity.id
_entity.type
_entity.pdbx_description
1 polymer 'Major prion protein'
2 polymer 'Nanobody 484'
3 polymer 'Major prion protein'
4 polymer 'Nanobody 484'
5 non-polymer 'CHLORIDE ION'
6 non-polymer 'SULFATE ION'
7 non-polymer GLYCEROL
8 non-polymer 'SODIUM ION'
9 water water
#
loop_
_entity_poly.entity_id
_entity_poly.type
_entity_poly.pdbx_seq_one_letter_code
_entity_poly.pdbx_strand_id
1 'polypeptide(L)'
;GAVVGGLGGYMLGSAMSRPMIHFGNDWEDRYYRENMYRYPNQVYYRPVDQYSNQNNFVHDCVNITIKQHTVTTTTKGENF
TETDVKMMERVVEQMCVTQYQKESQAYY
;
A
2 'polypeptide(L)'
;QVQLQESGGGLVQPGGSLRLSCAASGRTFSSYNMGWFRQAPGKGREFVASITSSGDKSDYTDSVKGRFTISRDNAKNTMY
LQMNNLKPEDTATYYCARGLGIYIIRARGGYDHWGQGTQVTVSS
;
B
3 'polypeptide(L)'
;GAVVGGLGGYMLGSAMSRPMIHFGNDWEDRYYRENMYRYPNQVYYRPVDQYSNQNNFVHDCVNITIKQHTVTTTTKGENF
TETDVKMMERVVEQMCVTQYQKESQAY
;
C
4 'polypeptide(L)'
;QVQLQESGGGLVQPGGSLRLSCAASGRTFSSYNMGWFRQAPGKGREFVASITSSGDKSDYTDSVKGRFTISRDNAKNTMY
LQMNNLKPEDTATYYCARGLGIYIIRARGGYDHWGQGTQVTVSSH
;
D
#
loop_
_chem_comp.id
_chem_comp.type
_chem_comp.name
_chem_comp.formula
CL non-polymer 'CHLORIDE ION' 'Cl -1'
GOL non-polymer GLYCEROL 'C3 H8 O3'
NA non-polymer 'SODIUM ION' 'Na 1'
SO4 non-polymer 'SULFATE ION' 'O4 S -2'
#
# COMPACT_ATOMS: atom_id res chain seq x y z
N GLY A 1 29.38 1.32 13.43
CA GLY A 1 28.08 0.94 13.94
C GLY A 1 27.65 -0.46 13.56
N ALA A 2 26.36 -0.74 13.68
CA ALA A 2 25.81 -2.02 13.27
C ALA A 2 25.48 -2.00 11.78
N VAL A 3 25.31 -3.19 11.21
CA VAL A 3 25.06 -3.36 9.79
C VAL A 3 23.66 -3.92 9.60
N VAL A 4 22.86 -3.22 8.80
CA VAL A 4 21.51 -3.67 8.45
C VAL A 4 21.37 -3.64 6.94
N GLY A 5 21.06 -4.78 6.34
CA GLY A 5 20.84 -4.85 4.90
C GLY A 5 22.03 -4.41 4.07
N GLY A 6 23.24 -4.72 4.52
CA GLY A 6 24.44 -4.41 3.77
C GLY A 6 24.93 -2.99 3.91
N LEU A 7 24.36 -2.21 4.83
CA LEU A 7 24.77 -0.84 5.07
C LEU A 7 25.13 -0.71 6.55
N GLY A 8 26.36 -0.26 6.81
CA GLY A 8 26.81 -0.02 8.16
C GLY A 8 26.45 1.37 8.64
N GLY A 9 27.01 1.73 9.80
CA GLY A 9 26.81 3.04 10.37
C GLY A 9 25.51 3.21 11.14
N TYR A 10 24.68 2.18 11.23
CA TYR A 10 23.49 2.26 12.06
C TYR A 10 23.87 2.25 13.54
N MET A 11 23.11 2.99 14.34
CA MET A 11 23.26 2.98 15.79
C MET A 11 22.15 2.15 16.42
N LEU A 12 22.48 1.45 17.50
CA LEU A 12 21.51 0.68 18.27
C LEU A 12 21.33 1.36 19.62
N GLY A 13 20.14 1.88 19.87
CA GLY A 13 19.87 2.53 21.14
C GLY A 13 19.73 1.53 22.28
N SER A 14 19.89 2.04 23.50
CA SER A 14 19.75 1.17 24.67
C SER A 14 18.31 0.70 24.82
N ALA A 15 18.16 -0.45 25.47
CA ALA A 15 16.83 -1.01 25.73
C ALA A 15 15.93 0.05 26.37
N MET A 16 14.67 0.05 25.94
CA MET A 16 13.70 1.03 26.39
C MET A 16 12.48 0.32 26.95
N SER A 17 11.85 0.94 27.95
CA SER A 17 10.61 0.41 28.49
C SER A 17 9.49 0.63 27.48
N ARG A 18 8.88 -0.46 27.03
CA ARG A 18 7.87 -0.36 25.98
C ARG A 18 6.62 0.34 26.50
N PRO A 19 6.10 1.34 25.79
CA PRO A 19 4.90 2.04 26.27
C PRO A 19 3.66 1.17 26.20
N MET A 20 2.62 1.62 26.91
CA MET A 20 1.35 0.93 27.01
C MET A 20 0.32 1.68 26.16
N ILE A 21 0.16 1.24 24.91
CA ILE A 21 -0.78 1.90 24.01
C ILE A 21 -2.20 1.44 24.31
N HIS A 22 -3.12 2.40 24.39
CA HIS A 22 -4.55 2.13 24.43
C HIS A 22 -5.13 2.35 23.03
N PHE A 23 -5.75 1.30 22.49
CA PHE A 23 -6.19 1.33 21.09
C PHE A 23 -7.64 1.74 20.91
N GLY A 24 -8.44 1.74 21.98
CA GLY A 24 -9.85 2.09 21.88
C GLY A 24 -10.80 0.93 22.04
N ASN A 25 -10.31 -0.28 22.27
CA ASN A 25 -11.14 -1.42 22.58
C ASN A 25 -10.35 -2.38 23.45
N ASP A 26 -11.07 -3.13 24.29
CA ASP A 26 -10.41 -3.99 25.25
C ASP A 26 -9.61 -5.09 24.56
N TRP A 27 -10.14 -5.63 23.46
CA TRP A 27 -9.51 -6.78 22.82
C TRP A 27 -8.10 -6.42 22.34
N GLU A 28 -7.96 -5.31 21.62
CA GLU A 28 -6.64 -4.96 21.09
C GLU A 28 -5.69 -4.51 22.20
N ASP A 29 -6.21 -3.79 23.21
CA ASP A 29 -5.40 -3.48 24.38
C ASP A 29 -4.83 -4.75 24.99
N ARG A 30 -5.67 -5.77 25.15
CA ARG A 30 -5.23 -7.02 25.77
C ARG A 30 -4.29 -7.79 24.86
N TYR A 31 -4.60 -7.85 23.56
CA TYR A 31 -3.71 -8.55 22.63
C TYR A 31 -2.32 -7.93 22.65
N TYR A 32 -2.24 -6.59 22.68
CA TYR A 32 -0.95 -5.93 22.68
C TYR A 32 -0.16 -6.25 23.95
N ARG A 33 -0.78 -6.07 25.11
CA ARG A 33 -0.11 -6.35 26.38
C ARG A 33 0.41 -7.78 26.43
N GLU A 34 -0.34 -8.72 25.84
CA GLU A 34 0.05 -10.13 25.88
C GLU A 34 1.07 -10.49 24.80
N ASN A 35 1.27 -9.65 23.79
CA ASN A 35 2.15 -9.96 22.69
C ASN A 35 3.34 -9.01 22.55
N MET A 36 3.40 -7.94 23.35
CA MET A 36 4.44 -6.94 23.16
C MET A 36 5.84 -7.49 23.43
N TYR A 37 5.97 -8.58 24.19
CA TYR A 37 7.28 -9.17 24.43
C TYR A 37 7.95 -9.63 23.14
N ARG A 38 7.16 -9.87 22.08
CA ARG A 38 7.70 -10.28 20.80
C ARG A 38 8.09 -9.10 19.93
N TYR A 39 7.92 -7.87 20.41
CA TYR A 39 8.20 -6.67 19.64
C TYR A 39 9.50 -6.03 20.12
N PRO A 40 10.14 -5.21 19.28
CA PRO A 40 11.41 -4.61 19.69
C PRO A 40 11.26 -3.76 20.95
N ASN A 41 12.36 -3.67 21.70
CA ASN A 41 12.46 -2.70 22.79
C ASN A 41 13.70 -1.82 22.64
N GLN A 42 14.39 -1.88 21.51
CA GLN A 42 15.43 -0.93 21.15
C GLN A 42 15.38 -0.74 19.64
N VAL A 43 15.72 0.46 19.20
CA VAL A 43 15.52 0.87 17.82
C VAL A 43 16.86 1.11 17.15
N TYR A 44 16.96 0.70 15.88
CA TYR A 44 18.06 1.09 15.03
C TYR A 44 17.82 2.49 14.47
N TYR A 45 18.86 3.31 14.47
CA TYR A 45 18.75 4.66 13.93
C TYR A 45 20.12 5.08 13.40
N ARG A 46 20.13 6.17 12.65
CA ARG A 46 21.35 6.81 12.18
C ARG A 46 21.49 8.19 12.82
N PRO A 47 22.71 8.71 12.92
CA PRO A 47 22.91 9.99 13.61
C PRO A 47 22.03 11.09 13.04
N VAL A 48 21.56 11.97 13.94
CA VAL A 48 20.59 12.99 13.56
C VAL A 48 21.14 13.91 12.47
N ASP A 49 22.47 14.12 12.44
CA ASP A 49 23.04 15.01 11.44
C ASP A 49 22.89 14.49 10.02
N GLN A 50 22.51 13.22 9.84
CA GLN A 50 22.22 12.71 8.51
C GLN A 50 20.80 13.01 8.04
N TYR A 51 20.01 13.74 8.84
CA TYR A 51 18.65 14.08 8.47
C TYR A 51 18.45 15.58 8.60
N SER A 52 17.40 16.08 7.95
CA SER A 52 17.06 17.49 8.01
C SER A 52 15.78 17.78 8.80
N ASN A 53 15.08 16.75 9.25
CA ASN A 53 13.89 16.94 10.08
C ASN A 53 13.62 15.65 10.86
N GLN A 54 12.71 15.76 11.83
CA GLN A 54 12.43 14.63 12.71
C GLN A 54 11.72 13.49 11.96
N ASN A 55 10.75 13.82 11.11
CA ASN A 55 9.96 12.79 10.45
C ASN A 55 10.84 11.81 9.68
N ASN A 56 11.83 12.32 8.95
CA ASN A 56 12.67 11.43 8.14
C ASN A 56 13.55 10.55 9.03
N PHE A 57 14.09 11.11 10.10
CA PHE A 57 14.79 10.30 11.09
C PHE A 57 13.91 9.18 11.61
N VAL A 58 12.68 9.51 12.01
CA VAL A 58 11.79 8.52 12.62
C VAL A 58 11.32 7.50 11.60
N HIS A 59 11.05 7.95 10.37
CA HIS A 59 10.63 7.02 9.33
C HIS A 59 11.70 5.96 9.10
N ASP A 60 12.96 6.38 8.99
CA ASP A 60 14.05 5.42 8.87
C ASP A 60 14.14 4.52 10.09
N CYS A 61 14.07 5.13 11.28
CA CYS A 61 14.17 4.38 12.53
C CYS A 61 13.11 3.28 12.59
N VAL A 62 11.86 3.62 12.24
CA VAL A 62 10.79 2.62 12.28
C VAL A 62 11.01 1.56 11.20
N ASN A 63 11.25 2.01 9.95
CA ASN A 63 11.38 1.07 8.84
C ASN A 63 12.49 0.06 9.11
N ILE A 64 13.70 0.56 9.42
CA ILE A 64 14.85 -0.33 9.59
C ILE A 64 14.68 -1.22 10.82
N THR A 65 14.19 -0.65 11.92
CA THR A 65 14.07 -1.44 13.16
C THR A 65 13.13 -2.62 12.95
N ILE A 66 12.01 -2.40 12.28
CA ILE A 66 11.04 -3.47 12.06
C ILE A 66 11.57 -4.46 11.03
N LYS A 67 12.29 -3.97 10.01
CA LYS A 67 12.87 -4.86 9.02
C LYS A 67 13.90 -5.80 9.65
N GLN A 68 14.82 -5.25 10.44
CA GLN A 68 15.85 -6.08 11.07
C GLN A 68 15.25 -7.00 12.13
N HIS A 69 14.24 -6.52 12.86
CA HIS A 69 13.59 -7.38 13.85
C HIS A 69 12.89 -8.56 13.18
N THR A 70 12.29 -8.34 12.01
CA THR A 70 11.64 -9.43 11.30
C THR A 70 12.65 -10.48 10.84
N VAL A 71 13.78 -10.03 10.30
CA VAL A 71 14.82 -10.96 9.87
C VAL A 71 15.30 -11.81 11.05
N THR A 72 15.74 -11.15 12.12
CA THR A 72 16.31 -11.88 13.26
C THR A 72 15.30 -12.85 13.86
N THR A 73 14.04 -12.45 13.98
CA THR A 73 13.06 -13.32 14.61
C THR A 73 12.69 -14.48 13.69
N THR A 74 12.50 -14.20 12.40
CA THR A 74 12.17 -15.29 11.47
C THR A 74 13.30 -16.30 11.34
N THR A 75 14.46 -16.04 11.97
CA THR A 75 15.45 -17.09 12.16
C THR A 75 15.05 -18.00 13.31
N LYS A 76 14.38 -17.46 14.33
CA LYS A 76 13.84 -18.25 15.42
C LYS A 76 12.44 -18.79 15.12
N GLY A 77 11.99 -18.69 13.86
CA GLY A 77 10.69 -19.21 13.45
C GLY A 77 9.49 -18.32 13.68
N GLU A 78 9.60 -17.26 14.49
CA GLU A 78 8.47 -16.38 14.74
C GLU A 78 7.88 -15.86 13.42
N ASN A 79 6.57 -15.55 13.45
CA ASN A 79 5.87 -15.03 12.28
C ASN A 79 4.85 -13.98 12.71
N PHE A 80 5.07 -12.73 12.29
CA PHE A 80 4.21 -11.61 12.67
C PHE A 80 2.98 -11.51 11.76
N THR A 81 1.82 -11.33 12.37
CA THR A 81 0.55 -11.16 11.69
C THR A 81 0.36 -9.71 11.22
N GLU A 82 -0.71 -9.49 10.45
CA GLU A 82 -1.07 -8.13 10.04
C GLU A 82 -1.24 -7.20 11.22
N THR A 83 -1.75 -7.70 12.34
CA THR A 83 -1.96 -6.85 13.51
C THR A 83 -0.72 -6.72 14.36
N ASP A 84 0.14 -7.76 14.36
CA ASP A 84 1.46 -7.59 14.95
C ASP A 84 2.21 -6.44 14.29
N VAL A 85 2.11 -6.35 12.96
CA VAL A 85 2.82 -5.30 12.23
C VAL A 85 2.25 -3.93 12.59
N LYS A 86 0.92 -3.81 12.61
CA LYS A 86 0.30 -2.54 12.97
C LYS A 86 0.70 -2.09 14.36
N MET A 87 0.75 -3.03 15.31
CA MET A 87 1.11 -2.67 16.68
C MET A 87 2.59 -2.38 16.81
N MET A 88 3.44 -3.13 16.10
CA MET A 88 4.87 -2.84 16.12
C MET A 88 5.16 -1.44 15.60
N GLU A 89 4.53 -1.07 14.48
CA GLU A 89 4.72 0.26 13.91
C GLU A 89 4.40 1.34 14.94
N ARG A 90 3.33 1.16 15.72
CA ARG A 90 2.93 2.18 16.67
C ARG A 90 3.91 2.27 17.84
N VAL A 91 4.37 1.13 18.35
CA VAL A 91 5.28 1.17 19.50
C VAL A 91 6.67 1.60 19.07
N VAL A 92 7.15 1.11 17.93
CA VAL A 92 8.49 1.48 17.47
C VAL A 92 8.56 2.97 17.16
N GLU A 93 7.50 3.53 16.56
CA GLU A 93 7.50 4.95 16.26
C GLU A 93 7.59 5.78 17.53
N GLN A 94 6.85 5.39 18.58
CA GLN A 94 6.95 6.10 19.86
C GLN A 94 8.37 6.05 20.41
N MET A 95 9.02 4.88 20.33
CA MET A 95 10.38 4.76 20.81
C MET A 95 11.35 5.55 19.94
N CYS A 96 11.10 5.61 18.63
CA CYS A 96 11.97 6.38 17.74
C CYS A 96 11.87 7.87 18.03
N VAL A 97 10.67 8.37 18.31
CA VAL A 97 10.52 9.78 18.69
C VAL A 97 11.29 10.06 19.98
N THR A 98 11.17 9.15 20.96
CA THR A 98 11.93 9.32 22.20
C THR A 98 13.43 9.28 21.93
N GLN A 99 13.88 8.38 21.05
CA GLN A 99 15.28 8.33 20.70
C GLN A 99 15.72 9.62 20.02
N TYR A 100 14.89 10.16 19.12
CA TYR A 100 15.25 11.38 18.40
C TYR A 100 15.54 12.51 19.38
N GLN A 101 14.54 12.88 20.20
CA GLN A 101 14.73 13.95 21.16
C GLN A 101 15.89 13.66 22.11
N LYS A 102 16.22 12.38 22.32
CA LYS A 102 17.36 12.04 23.15
C LYS A 102 18.68 12.32 22.43
N GLU A 103 18.76 11.98 21.15
CA GLU A 103 19.93 12.33 20.35
C GLU A 103 20.02 13.84 20.15
N SER A 104 18.87 14.50 20.02
CA SER A 104 18.86 15.93 19.74
C SER A 104 19.57 16.73 20.84
N GLN A 105 19.57 16.22 22.06
CA GLN A 105 20.14 16.97 23.18
C GLN A 105 21.61 17.32 22.94
N ALA A 106 22.32 16.54 22.14
CA ALA A 106 23.73 16.81 21.89
C ALA A 106 23.95 17.89 20.83
N TYR A 107 23.00 18.09 19.94
CA TYR A 107 23.21 18.99 18.82
C TYR A 107 22.90 20.46 19.13
N TYR A 108 22.49 20.78 20.35
CA TYR A 108 22.22 22.17 20.71
C TYR A 108 22.88 22.55 22.03
N GLN B 1 34.83 4.45 -10.26
CA GLN B 1 33.71 3.54 -10.62
C GLN B 1 32.64 4.31 -11.40
N VAL B 2 31.38 3.86 -11.26
CA VAL B 2 30.27 4.50 -11.95
C VAL B 2 30.22 5.98 -11.62
N GLN B 3 29.85 6.79 -12.62
CA GLN B 3 29.72 8.24 -12.49
C GLN B 3 28.28 8.62 -12.79
N LEU B 4 27.74 9.53 -11.98
CA LEU B 4 26.37 10.03 -12.15
C LEU B 4 26.41 11.49 -12.58
N GLN B 5 25.55 11.83 -13.54
CA GLN B 5 25.46 13.20 -14.06
C GLN B 5 24.00 13.62 -14.11
N GLU B 6 23.67 14.68 -13.37
CA GLU B 6 22.34 15.26 -13.42
C GLU B 6 22.22 16.23 -14.60
N SER B 7 21.02 16.35 -15.13
CA SER B 7 20.71 17.34 -16.15
C SER B 7 19.24 17.71 -16.04
N GLY B 8 18.86 18.78 -16.74
CA GLY B 8 17.48 19.20 -16.84
C GLY B 8 17.09 20.39 -16.00
N GLY B 9 17.99 20.90 -15.16
CA GLY B 9 17.67 22.05 -14.34
C GLY B 9 17.46 23.31 -15.15
N GLY B 10 16.90 24.33 -14.49
CA GLY B 10 16.71 25.62 -15.14
C GLY B 10 15.76 26.50 -14.35
N LEU B 11 15.25 27.52 -15.04
CA LEU B 11 14.31 28.48 -14.47
C LEU B 11 12.89 28.10 -14.89
N VAL B 12 11.96 28.17 -13.94
CA VAL B 12 10.56 27.87 -14.19
C VAL B 12 9.68 28.79 -13.35
N GLN B 13 8.49 29.10 -13.86
CA GLN B 13 7.60 29.89 -13.02
C GLN B 13 7.02 29.00 -11.93
N PRO B 14 6.63 29.56 -10.79
CA PRO B 14 5.85 28.79 -9.82
C PRO B 14 4.62 28.20 -10.51
N GLY B 15 4.27 26.97 -10.12
CA GLY B 15 3.24 26.22 -10.81
C GLY B 15 3.72 25.46 -12.03
N GLY B 16 4.92 25.75 -12.54
CA GLY B 16 5.43 25.08 -13.72
C GLY B 16 5.99 23.71 -13.42
N SER B 17 6.63 23.12 -14.43
CA SER B 17 7.14 21.77 -14.35
C SER B 17 8.56 21.68 -14.88
N LEU B 18 9.31 20.70 -14.37
CA LEU B 18 10.60 20.32 -14.91
C LEU B 18 10.80 18.82 -14.74
N ARG B 19 11.53 18.22 -15.67
N ARG B 19 11.58 18.23 -15.64
CA ARG B 19 11.93 16.82 -15.58
CA ARG B 19 11.93 16.82 -15.60
C ARG B 19 13.45 16.78 -15.43
C ARG B 19 13.44 16.70 -15.46
N LEU B 20 13.91 16.26 -14.30
CA LEU B 20 15.33 16.07 -14.07
C LEU B 20 15.74 14.67 -14.51
N SER B 21 16.98 14.54 -14.94
CA SER B 21 17.52 13.29 -15.44
C SER B 21 18.84 13.00 -14.74
N CYS B 22 19.04 11.72 -14.39
CA CYS B 22 20.29 11.25 -13.79
C CYS B 22 20.82 10.11 -14.66
N ALA B 23 21.92 10.37 -15.35
CA ALA B 23 22.53 9.40 -16.24
C ALA B 23 23.75 8.78 -15.57
N ALA B 24 23.85 7.46 -15.66
CA ALA B 24 24.91 6.70 -15.02
C ALA B 24 25.80 6.08 -16.09
N SER B 25 27.12 6.21 -15.92
CA SER B 25 28.05 5.45 -16.73
C SER B 25 28.08 4.00 -16.24
N GLY B 26 28.72 3.15 -17.01
CA GLY B 26 28.88 1.77 -16.62
C GLY B 26 27.64 0.97 -17.00
N ARG B 27 27.55 -0.22 -16.40
CA ARG B 27 26.57 -1.20 -16.84
C ARG B 27 25.81 -1.82 -15.67
N THR B 28 26.00 -1.31 -14.45
CA THR B 28 25.41 -1.91 -13.26
C THR B 28 24.27 -1.07 -12.71
N PHE B 29 23.76 -0.14 -13.51
CA PHE B 29 22.72 0.78 -13.04
C PHE B 29 21.57 0.04 -12.39
N SER B 30 21.04 -0.98 -13.08
CA SER B 30 19.81 -1.64 -12.65
C SER B 30 20.00 -2.53 -11.44
N SER B 31 21.21 -2.66 -10.89
CA SER B 31 21.44 -3.51 -9.73
C SER B 31 21.38 -2.75 -8.41
N TYR B 32 21.19 -1.42 -8.45
CA TYR B 32 21.28 -0.58 -7.26
C TYR B 32 20.03 0.27 -7.11
N ASN B 33 19.63 0.50 -5.86
CA ASN B 33 18.64 1.51 -5.57
C ASN B 33 19.22 2.89 -5.89
N MET B 34 18.34 3.85 -6.18
CA MET B 34 18.75 5.20 -6.55
C MET B 34 17.88 6.22 -5.83
N GLY B 35 18.42 7.42 -5.64
CA GLY B 35 17.68 8.48 -4.97
C GLY B 35 18.06 9.87 -5.43
N TRP B 36 17.24 10.83 -5.00
CA TRP B 36 17.44 12.25 -5.29
C TRP B 36 17.53 13.01 -3.96
N PHE B 37 18.50 13.91 -3.86
CA PHE B 37 18.59 14.86 -2.77
C PHE B 37 18.60 16.27 -3.35
N ARG B 38 18.35 17.26 -2.50
CA ARG B 38 18.43 18.66 -2.92
C ARG B 38 19.04 19.49 -1.80
N GLN B 39 19.64 20.60 -2.20
CA GLN B 39 20.31 21.51 -1.27
C GLN B 39 19.91 22.94 -1.61
N ALA B 40 19.17 23.57 -0.72
CA ALA B 40 18.79 24.96 -0.89
C ALA B 40 19.91 25.87 -0.39
N PRO B 41 19.94 27.13 -0.85
CA PRO B 41 20.95 28.06 -0.36
C PRO B 41 21.01 28.09 1.17
N GLY B 42 22.22 28.00 1.70
CA GLY B 42 22.43 28.06 3.14
C GLY B 42 21.97 26.86 3.92
N LYS B 43 21.66 25.74 3.26
CA LYS B 43 21.27 24.52 3.94
C LYS B 43 22.08 23.35 3.36
N GLY B 44 21.94 22.19 4.00
CA GLY B 44 22.58 20.98 3.53
C GLY B 44 21.67 20.15 2.63
N ARG B 45 22.25 19.09 2.07
CA ARG B 45 21.49 18.16 1.25
C ARG B 45 20.38 17.49 2.07
N GLU B 46 19.18 17.45 1.50
CA GLU B 46 18.05 16.79 2.14
C GLU B 46 17.45 15.78 1.16
N PHE B 47 16.94 14.68 1.71
CA PHE B 47 16.33 13.64 0.90
C PHE B 47 15.11 14.18 0.15
N VAL B 48 14.99 13.80 -1.11
CA VAL B 48 13.83 14.13 -1.94
C VAL B 48 13.01 12.89 -2.27
N ALA B 49 13.64 11.90 -2.89
CA ALA B 49 12.92 10.71 -3.34
C ALA B 49 13.91 9.60 -3.65
N SER B 50 13.40 8.37 -3.63
CA SER B 50 14.21 7.20 -3.90
C SER B 50 13.38 6.13 -4.59
N ILE B 51 14.06 5.14 -5.15
CA ILE B 51 13.44 4.10 -5.95
C ILE B 51 14.35 2.88 -5.96
N THR B 52 13.73 1.71 -5.86
CA THR B 52 14.49 0.47 -5.80
C THR B 52 15.10 0.12 -7.16
N SER B 53 16.03 -0.83 -7.16
CA SER B 53 16.74 -1.19 -8.37
C SER B 53 15.78 -1.57 -9.50
N SER B 54 14.71 -2.30 -9.17
CA SER B 54 13.74 -2.71 -10.16
C SER B 54 12.64 -1.69 -10.40
N GLY B 55 12.50 -0.70 -9.51
CA GLY B 55 11.45 0.28 -9.64
C GLY B 55 10.13 -0.11 -9.03
N ASP B 56 10.07 -1.25 -8.34
CA ASP B 56 8.82 -1.73 -7.77
C ASP B 56 8.35 -0.85 -6.62
N LYS B 57 9.29 -0.21 -5.91
CA LYS B 57 8.94 0.58 -4.73
C LYS B 57 9.68 1.91 -4.75
N SER B 58 9.07 2.91 -4.13
CA SER B 58 9.60 4.27 -4.14
C SER B 58 9.28 4.94 -2.81
N ASP B 59 9.94 6.07 -2.57
CA ASP B 59 9.76 6.82 -1.34
C ASP B 59 9.99 8.30 -1.60
N TYR B 60 9.27 9.14 -0.85
CA TYR B 60 9.27 10.58 -1.07
C TYR B 60 9.27 11.28 0.28
N THR B 61 9.94 12.42 0.34
CA THR B 61 9.82 13.28 1.52
C THR B 61 8.46 14.00 1.49
N ASP B 62 7.99 14.39 2.68
CA ASP B 62 6.61 14.83 2.82
C ASP B 62 6.31 16.07 2.00
N SER B 63 7.29 16.96 1.83
CA SER B 63 7.05 18.23 1.15
C SER B 63 6.88 18.08 -0.35
N VAL B 64 7.26 16.94 -0.94
CA VAL B 64 7.17 16.75 -2.38
C VAL B 64 6.15 15.69 -2.78
N LYS B 65 5.61 14.92 -1.83
CA LYS B 65 4.63 13.89 -2.15
C LYS B 65 3.44 14.47 -2.91
N GLY B 66 3.06 13.78 -3.99
CA GLY B 66 1.97 14.23 -4.83
C GLY B 66 2.33 15.28 -5.85
N ARG B 67 3.52 15.86 -5.77
CA ARG B 67 4.01 16.82 -6.75
C ARG B 67 5.16 16.29 -7.58
N PHE B 68 6.04 15.49 -6.98
CA PHE B 68 7.20 14.92 -7.65
C PHE B 68 6.95 13.42 -7.87
N THR B 69 7.47 12.90 -8.99
CA THR B 69 7.35 11.50 -9.32
C THR B 69 8.71 10.98 -9.77
N ILE B 70 9.23 9.97 -9.05
CA ILE B 70 10.50 9.35 -9.40
C ILE B 70 10.25 8.12 -10.26
N SER B 71 11.19 7.86 -11.18
CA SER B 71 11.11 6.70 -12.05
C SER B 71 12.50 6.44 -12.61
N ARG B 72 12.63 5.31 -13.32
CA ARG B 72 13.92 4.93 -13.88
C ARG B 72 13.71 4.04 -15.10
N ASP B 73 14.67 4.10 -16.02
CA ASP B 73 14.70 3.28 -17.23
C ASP B 73 16.00 2.48 -17.20
N ASN B 74 15.93 1.26 -16.70
CA ASN B 74 17.13 0.43 -16.54
C ASN B 74 17.79 0.11 -17.88
N ALA B 75 17.07 0.24 -19.00
CA ALA B 75 17.68 0.04 -20.30
C ALA B 75 18.55 1.22 -20.71
N LYS B 76 18.17 2.44 -20.32
CA LYS B 76 18.92 3.64 -20.68
C LYS B 76 19.88 4.09 -19.58
N ASN B 77 20.02 3.31 -18.51
CA ASN B 77 20.90 3.67 -17.39
C ASN B 77 20.57 5.06 -16.87
N THR B 78 19.28 5.39 -16.82
CA THR B 78 18.84 6.73 -16.45
C THR B 78 17.70 6.66 -15.45
N MET B 79 17.75 7.58 -14.48
CA MET B 79 16.67 7.80 -13.52
C MET B 79 16.10 9.20 -13.75
N TYR B 80 14.81 9.36 -13.47
CA TYR B 80 14.11 10.61 -13.73
C TYR B 80 13.43 11.11 -12.47
N LEU B 81 13.25 12.43 -12.41
CA LEU B 81 12.43 13.07 -11.38
C LEU B 81 11.52 14.07 -12.10
N GLN B 82 10.23 13.78 -12.12
CA GLN B 82 9.24 14.66 -12.72
C GLN B 82 8.68 15.55 -11.63
N MET B 83 8.88 16.86 -11.77
CA MET B 83 8.48 17.83 -10.76
C MET B 83 7.37 18.71 -11.34
N ASN B 84 6.18 18.63 -10.75
CA ASN B 84 5.06 19.47 -11.12
C ASN B 84 4.66 20.35 -9.94
N ASN B 85 3.87 21.39 -10.25
N ASN B 85 3.87 21.40 -10.22
CA ASN B 85 3.41 22.37 -9.26
CA ASN B 85 3.41 22.31 -9.18
C ASN B 85 4.57 22.85 -8.41
C ASN B 85 4.57 22.90 -8.39
N LEU B 86 5.63 23.29 -9.09
CA LEU B 86 6.84 23.75 -8.42
C LEU B 86 6.56 25.01 -7.62
N LYS B 87 7.31 25.16 -6.53
CA LYS B 87 7.15 26.25 -5.59
C LYS B 87 8.46 27.01 -5.46
N PRO B 88 8.41 28.29 -5.05
CA PRO B 88 9.66 29.02 -4.85
C PRO B 88 10.64 28.31 -3.94
N GLU B 89 10.14 27.61 -2.93
CA GLU B 89 11.01 26.91 -1.99
C GLU B 89 11.46 25.55 -2.50
N ASP B 90 11.13 25.19 -3.73
CA ASP B 90 11.77 24.06 -4.39
C ASP B 90 13.08 24.45 -5.04
N THR B 91 13.42 25.75 -5.04
CA THR B 91 14.71 26.21 -5.53
C THR B 91 15.83 25.54 -4.76
N ALA B 92 16.72 24.87 -5.48
CA ALA B 92 17.81 24.14 -4.85
C ALA B 92 18.70 23.55 -5.92
N THR B 93 19.88 23.10 -5.51
CA THR B 93 20.69 22.21 -6.32
C THR B 93 20.23 20.78 -6.06
N TYR B 94 19.94 20.05 -7.13
CA TYR B 94 19.41 18.69 -7.03
C TYR B 94 20.49 17.69 -7.39
N TYR B 95 20.72 16.72 -6.50
CA TYR B 95 21.72 15.69 -6.68
C TYR B 95 21.03 14.33 -6.80
N CYS B 96 21.59 13.46 -7.64
CA CYS B 96 21.25 12.05 -7.64
C CYS B 96 22.40 11.25 -7.05
N ALA B 97 22.07 10.06 -6.53
CA ALA B 97 23.05 9.27 -5.81
C ALA B 97 22.63 7.80 -5.86
N ARG B 98 23.59 6.94 -5.57
CA ARG B 98 23.37 5.50 -5.63
C ARG B 98 23.21 4.94 -4.22
N GLY B 99 22.15 4.16 -4.02
CA GLY B 99 21.84 3.65 -2.71
C GLY B 99 22.91 2.67 -2.22
N LEU B 100 23.17 2.74 -0.92
CA LEU B 100 24.03 1.77 -0.23
C LEU B 100 23.15 0.77 0.51
N GLY B 101 23.45 -0.51 0.35
CA GLY B 101 22.61 -1.54 0.92
C GLY B 101 21.38 -1.80 0.09
N ILE B 102 20.50 -2.65 0.62
CA ILE B 102 19.33 -3.11 -0.10
C ILE B 102 18.06 -2.37 0.28
N TYR B 103 18.12 -1.47 1.26
CA TYR B 103 16.96 -0.76 1.76
C TYR B 103 17.07 0.73 1.42
N ILE B 104 16.10 1.25 0.66
CA ILE B 104 16.04 2.68 0.42
C ILE B 104 15.69 3.38 1.73
N ILE B 105 16.54 4.30 2.16
CA ILE B 105 16.29 5.08 3.36
C ILE B 105 16.36 6.57 3.01
N ARG B 106 16.15 7.42 4.01
CA ARG B 106 16.15 8.86 3.81
C ARG B 106 17.41 9.55 4.34
N ALA B 107 18.21 8.87 5.15
CA ALA B 107 19.44 9.46 5.66
C ALA B 107 20.39 9.79 4.52
N ARG B 108 21.14 10.88 4.71
CA ARG B 108 22.22 11.21 3.79
C ARG B 108 23.19 10.05 3.62
N GLY B 109 23.44 9.30 4.69
CA GLY B 109 24.38 8.20 4.67
C GLY B 109 23.91 6.96 3.96
N GLY B 110 22.68 6.96 3.43
CA GLY B 110 22.20 5.82 2.69
C GLY B 110 22.60 5.79 1.24
N TYR B 111 23.43 6.72 0.80
CA TYR B 111 23.74 6.91 -0.62
C TYR B 111 25.16 7.39 -0.78
N ASP B 112 25.74 7.09 -1.94
CA ASP B 112 27.06 7.59 -2.29
C ASP B 112 27.10 7.85 -3.80
N HIS B 113 28.30 8.05 -4.33
CA HIS B 113 28.50 8.35 -5.75
C HIS B 113 27.67 9.57 -6.17
N TRP B 114 27.62 10.57 -5.30
CA TRP B 114 26.87 11.80 -5.57
C TRP B 114 27.31 12.44 -6.89
N GLY B 115 26.34 12.75 -7.74
CA GLY B 115 26.60 13.55 -8.92
C GLY B 115 27.00 14.98 -8.56
N GLN B 116 27.40 15.72 -9.60
CA GLN B 116 27.82 17.10 -9.40
C GLN B 116 26.65 18.03 -9.12
N GLY B 117 25.44 17.67 -9.56
CA GLY B 117 24.26 18.44 -9.24
C GLY B 117 23.81 19.33 -10.39
N THR B 118 22.52 19.66 -10.38
CA THR B 118 21.93 20.58 -11.35
C THR B 118 21.06 21.60 -10.61
N GLN B 119 21.01 22.81 -11.14
CA GLN B 119 20.36 23.93 -10.46
C GLN B 119 18.92 24.07 -10.93
N VAL B 120 18.01 24.18 -9.97
CA VAL B 120 16.59 24.41 -10.24
C VAL B 120 16.21 25.73 -9.57
N THR B 121 15.71 26.67 -10.37
CA THR B 121 15.28 27.98 -9.88
C THR B 121 13.81 28.18 -10.22
N VAL B 122 13.00 28.37 -9.18
CA VAL B 122 11.57 28.60 -9.33
C VAL B 122 11.31 30.06 -8.97
N SER B 123 11.11 30.89 -9.98
CA SER B 123 10.84 32.31 -9.75
C SER B 123 10.13 32.90 -10.97
N SER B 124 9.49 34.04 -10.75
CA SER B 124 8.75 34.72 -11.81
C SER B 124 9.57 35.86 -12.42
N GLY C 1 -20.49 -15.09 -20.42
CA GLY C 1 -19.77 -13.83 -20.40
C GLY C 1 -18.28 -14.03 -20.64
N ALA C 2 -17.49 -13.02 -20.28
CA ALA C 2 -16.05 -13.11 -20.40
C ALA C 2 -15.45 -13.74 -19.16
N VAL C 3 -14.21 -14.22 -19.30
CA VAL C 3 -13.47 -14.87 -18.23
C VAL C 3 -12.26 -14.01 -17.91
N VAL C 4 -12.13 -13.60 -16.65
CA VAL C 4 -10.98 -12.84 -16.19
C VAL C 4 -10.40 -13.56 -14.98
N GLY C 5 -9.12 -13.92 -15.08
CA GLY C 5 -8.45 -14.59 -13.97
C GLY C 5 -9.12 -15.88 -13.54
N GLY C 6 -9.64 -16.65 -14.49
CA GLY C 6 -10.23 -17.94 -14.19
C GLY C 6 -11.64 -17.89 -13.66
N LEU C 7 -12.30 -16.73 -13.72
CA LEU C 7 -13.68 -16.59 -13.29
C LEU C 7 -14.50 -16.03 -14.44
N GLY C 8 -15.57 -16.73 -14.79
CA GLY C 8 -16.48 -16.28 -15.83
C GLY C 8 -17.55 -15.35 -15.27
N GLY C 9 -18.53 -15.05 -16.12
CA GLY C 9 -19.65 -14.24 -15.74
C GLY C 9 -19.41 -12.75 -15.75
N TYR C 10 -18.23 -12.29 -16.13
CA TYR C 10 -17.99 -10.86 -16.26
C TYR C 10 -18.70 -10.31 -17.50
N MET C 11 -19.22 -9.10 -17.38
CA MET C 11 -19.79 -8.37 -18.51
C MET C 11 -18.80 -7.33 -19.01
N LEU C 12 -18.81 -7.13 -20.32
CA LEU C 12 -17.98 -6.11 -20.96
C LEU C 12 -18.91 -5.03 -21.51
N GLY C 13 -18.78 -3.82 -20.97
CA GLY C 13 -19.62 -2.73 -21.43
C GLY C 13 -19.22 -2.22 -22.80
N SER C 14 -20.16 -1.51 -23.42
CA SER C 14 -19.89 -0.94 -24.74
C SER C 14 -18.83 0.14 -24.66
N ALA C 15 -18.14 0.36 -25.79
CA ALA C 15 -17.11 1.39 -25.87
C ALA C 15 -17.66 2.72 -25.36
N MET C 16 -16.83 3.44 -24.61
CA MET C 16 -17.23 4.69 -23.97
C MET C 16 -16.23 5.79 -24.31
N SER C 17 -16.75 7.01 -24.42
CA SER C 17 -15.89 8.16 -24.65
C SER C 17 -15.16 8.51 -23.35
N ARG C 18 -13.84 8.48 -23.40
CA ARG C 18 -13.05 8.73 -22.20
C ARG C 18 -13.19 10.20 -21.79
N PRO C 19 -13.53 10.49 -20.54
CA PRO C 19 -13.69 11.89 -20.14
C PRO C 19 -12.36 12.63 -20.13
N MET C 20 -12.45 13.96 -20.12
CA MET C 20 -11.29 14.83 -20.20
C MET C 20 -11.06 15.41 -18.81
N ILE C 21 -10.23 14.72 -18.03
CA ILE C 21 -9.98 15.06 -16.63
C ILE C 21 -8.98 16.21 -16.57
N HIS C 22 -9.27 17.20 -15.73
CA HIS C 22 -8.33 18.26 -15.38
C HIS C 22 -7.74 17.93 -14.02
N PHE C 23 -6.41 17.83 -13.96
CA PHE C 23 -5.75 17.39 -12.74
C PHE C 23 -5.28 18.52 -11.84
N GLY C 24 -5.21 19.75 -12.36
CA GLY C 24 -4.74 20.88 -11.59
C GLY C 24 -3.38 21.41 -11.99
N ASN C 25 -2.76 20.84 -13.02
CA ASN C 25 -1.52 21.36 -13.57
C ASN C 25 -1.46 21.01 -15.05
N ASP C 26 -0.76 21.85 -15.82
CA ASP C 26 -0.75 21.67 -17.26
C ASP C 26 -0.04 20.38 -17.66
N TRP C 27 1.03 20.01 -16.97
CA TRP C 27 1.82 18.86 -17.38
C TRP C 27 0.99 17.58 -17.38
N GLU C 28 0.27 17.32 -16.28
CA GLU C 28 -0.49 16.09 -16.18
C GLU C 28 -1.71 16.12 -17.11
N ASP C 29 -2.34 17.28 -17.25
CA ASP C 29 -3.39 17.43 -18.25
C ASP C 29 -2.90 17.03 -19.63
N ARG C 30 -1.72 17.51 -20.02
CA ARG C 30 -1.19 17.21 -21.34
C ARG C 30 -0.78 15.74 -21.44
N TYR C 31 -0.12 15.22 -20.40
CA TYR C 31 0.28 13.82 -20.42
C TYR C 31 -0.92 12.90 -20.58
N TYR C 32 -2.02 13.20 -19.87
CA TYR C 32 -3.19 12.34 -19.94
C TYR C 32 -3.78 12.35 -21.35
N ARG C 33 -4.05 13.54 -21.88
CA ARG C 33 -4.63 13.65 -23.21
C ARG C 33 -3.77 12.97 -24.27
N GLU C 34 -2.45 13.03 -24.10
CA GLU C 34 -1.56 12.43 -25.08
C GLU C 34 -1.38 10.93 -24.90
N ASN C 35 -1.79 10.39 -23.75
CA ASN C 35 -1.62 8.97 -23.46
C ASN C 35 -2.91 8.21 -23.25
N MET C 36 -4.07 8.89 -23.21
CA MET C 36 -5.31 8.23 -22.88
C MET C 36 -5.69 7.14 -23.87
N TYR C 37 -5.16 7.20 -25.11
CA TYR C 37 -5.47 6.18 -26.09
C TYR C 37 -5.01 4.79 -25.65
N ARG C 38 -4.06 4.73 -24.72
CA ARG C 38 -3.56 3.47 -24.18
C ARG C 38 -4.36 2.96 -22.98
N TYR C 39 -5.40 3.69 -22.57
CA TYR C 39 -6.20 3.31 -21.42
C TYR C 39 -7.54 2.73 -21.85
N PRO C 40 -8.18 1.95 -20.99
CA PRO C 40 -9.45 1.33 -21.39
C PRO C 40 -10.48 2.38 -21.76
N ASN C 41 -11.39 1.99 -22.66
CA ASN C 41 -12.60 2.75 -22.95
C ASN C 41 -13.84 1.87 -22.82
N GLN C 42 -13.68 0.67 -22.25
CA GLN C 42 -14.78 -0.20 -21.88
C GLN C 42 -14.39 -0.91 -20.59
N VAL C 43 -15.37 -1.16 -19.73
CA VAL C 43 -15.11 -1.67 -18.39
C VAL C 43 -15.71 -3.05 -18.22
N TYR C 44 -14.98 -3.93 -17.54
CA TYR C 44 -15.51 -5.21 -17.10
C TYR C 44 -16.28 -5.01 -15.80
N TYR C 45 -17.45 -5.64 -15.71
CA TYR C 45 -18.26 -5.55 -14.51
C TYR C 45 -19.08 -6.82 -14.36
N ARG C 46 -19.68 -6.98 -13.19
CA ARG C 46 -20.62 -8.06 -12.93
C ARG C 46 -22.01 -7.48 -12.68
N PRO C 47 -23.07 -8.26 -12.91
CA PRO C 47 -24.43 -7.72 -12.77
C PRO C 47 -24.65 -7.09 -11.41
N VAL C 48 -25.43 -6.01 -11.39
CA VAL C 48 -25.62 -5.23 -10.17
C VAL C 48 -26.20 -6.08 -9.05
N ASP C 49 -27.01 -7.09 -9.38
CA ASP C 49 -27.64 -7.91 -8.35
C ASP C 49 -26.64 -8.73 -7.56
N GLN C 50 -25.39 -8.83 -8.00
CA GLN C 50 -24.34 -9.48 -7.22
C GLN C 50 -23.71 -8.55 -6.18
N TYR C 51 -24.19 -7.32 -6.05
CA TYR C 51 -23.66 -6.37 -5.08
C TYR C 51 -24.80 -5.79 -4.25
N SER C 52 -24.44 -5.21 -3.11
CA SER C 52 -25.41 -4.57 -2.23
C SER C 52 -25.25 -3.05 -2.18
N ASN C 53 -24.26 -2.48 -2.86
CA ASN C 53 -24.10 -1.04 -2.90
C ASN C 53 -23.24 -0.66 -4.10
N GLN C 54 -23.23 0.64 -4.40
CA GLN C 54 -22.53 1.13 -5.59
C GLN C 54 -21.02 1.00 -5.44
N ASN C 55 -20.49 1.32 -4.25
CA ASN C 55 -19.04 1.31 -4.07
C ASN C 55 -18.43 -0.03 -4.42
N ASN C 56 -19.06 -1.13 -3.97
CA ASN C 56 -18.48 -2.45 -4.21
C ASN C 56 -18.54 -2.83 -5.69
N PHE C 57 -19.66 -2.53 -6.35
CA PHE C 57 -19.72 -2.71 -7.80
C PHE C 57 -18.58 -1.98 -8.49
N VAL C 58 -18.39 -0.71 -8.13
CA VAL C 58 -17.39 0.11 -8.80
C VAL C 58 -15.98 -0.36 -8.46
N HIS C 59 -15.76 -0.76 -7.20
CA HIS C 59 -14.45 -1.26 -6.81
C HIS C 59 -14.06 -2.48 -7.63
N ASP C 60 -15.00 -3.43 -7.80
CA ASP C 60 -14.74 -4.59 -8.65
C ASP C 60 -14.49 -4.16 -10.09
N CYS C 61 -15.37 -3.29 -10.62
CA CYS C 61 -15.23 -2.83 -11.99
C CYS C 61 -13.86 -2.21 -12.24
N VAL C 62 -13.41 -1.35 -11.33
CA VAL C 62 -12.11 -0.70 -11.50
C VAL C 62 -10.99 -1.72 -11.38
N ASN C 63 -11.01 -2.52 -10.32
CA ASN C 63 -9.95 -3.49 -10.08
C ASN C 63 -9.80 -4.46 -11.25
N ILE C 64 -10.90 -5.10 -11.65
CA ILE C 64 -10.83 -6.12 -12.69
C ILE C 64 -10.49 -5.49 -14.04
N THR C 65 -11.10 -4.34 -14.36
CA THR C 65 -10.87 -3.74 -15.68
C THR C 65 -9.40 -3.38 -15.87
N ILE C 66 -8.77 -2.80 -14.84
CA ILE C 66 -7.37 -2.43 -14.97
C ILE C 66 -6.47 -3.66 -14.95
N LYS C 67 -6.84 -4.69 -14.19
CA LYS C 67 -6.04 -5.91 -14.15
C LYS C 67 -6.01 -6.57 -15.52
N GLN C 68 -7.18 -6.75 -16.14
CA GLN C 68 -7.23 -7.42 -17.44
C GLN C 68 -6.61 -6.55 -18.53
N HIS C 69 -6.75 -5.22 -18.42
CA HIS C 69 -6.11 -4.34 -19.40
C HIS C 69 -4.60 -4.47 -19.31
N THR C 70 -4.07 -4.64 -18.11
CA THR C 70 -2.63 -4.84 -17.95
C THR C 70 -2.20 -6.18 -18.53
N VAL C 71 -2.97 -7.23 -18.27
CA VAL C 71 -2.64 -8.56 -18.80
C VAL C 71 -2.55 -8.51 -20.32
N THR C 72 -3.65 -8.09 -20.98
CA THR C 72 -3.69 -8.14 -22.43
C THR C 72 -2.63 -7.26 -23.05
N THR C 73 -2.45 -6.04 -22.52
CA THR C 73 -1.50 -5.11 -23.12
C THR C 73 -0.06 -5.45 -22.74
N THR C 74 0.21 -5.71 -21.46
CA THR C 74 1.60 -5.91 -21.04
C THR C 74 2.22 -7.13 -21.73
N THR C 75 1.45 -7.81 -22.60
CA THR C 75 2.04 -8.78 -23.50
C THR C 75 2.73 -8.11 -24.71
N LYS C 76 2.25 -6.94 -25.12
CA LYS C 76 2.82 -6.22 -26.25
C LYS C 76 4.06 -5.41 -25.90
N GLY C 77 4.71 -5.72 -24.78
CA GLY C 77 5.85 -4.95 -24.36
C GLY C 77 5.49 -3.71 -23.58
N GLU C 78 4.20 -3.35 -23.56
CA GLU C 78 3.73 -2.21 -22.80
C GLU C 78 4.27 -2.28 -21.38
N ASN C 79 4.50 -1.11 -20.81
CA ASN C 79 4.96 -0.99 -19.43
C ASN C 79 4.24 0.22 -18.88
N PHE C 80 3.24 0.00 -18.03
CA PHE C 80 2.49 1.11 -17.47
C PHE C 80 3.29 1.71 -16.32
N THR C 81 3.40 3.03 -16.32
CA THR C 81 4.15 3.70 -15.30
C THR C 81 3.34 3.76 -14.01
N GLU C 82 4.03 4.12 -12.93
CA GLU C 82 3.34 4.36 -11.66
C GLU C 82 2.30 5.45 -11.84
N THR C 83 2.55 6.40 -12.75
CA THR C 83 1.62 7.49 -13.01
C THR C 83 0.56 7.15 -14.04
N ASP C 84 0.87 6.26 -15.00
CA ASP C 84 -0.18 5.71 -15.86
C ASP C 84 -1.27 5.03 -15.04
N VAL C 85 -0.87 4.28 -14.01
CA VAL C 85 -1.84 3.54 -13.20
C VAL C 85 -2.76 4.50 -12.48
N LYS C 86 -2.21 5.58 -11.91
CA LYS C 86 -3.04 6.56 -11.21
C LYS C 86 -4.09 7.16 -12.15
N MET C 87 -3.68 7.47 -13.38
CA MET C 87 -4.63 8.07 -14.33
C MET C 87 -5.65 7.05 -14.80
N MET C 88 -5.21 5.80 -15.00
CA MET C 88 -6.16 4.74 -15.35
C MET C 88 -7.20 4.59 -14.25
N GLU C 89 -6.77 4.59 -12.99
CA GLU C 89 -7.72 4.50 -11.88
C GLU C 89 -8.76 5.61 -11.94
N ARG C 90 -8.34 6.83 -12.27
CA ARG C 90 -9.29 7.94 -12.27
C ARG C 90 -10.27 7.83 -13.43
N VAL C 91 -9.80 7.43 -14.61
CA VAL C 91 -10.69 7.34 -15.76
C VAL C 91 -11.60 6.13 -15.66
N VAL C 92 -11.05 4.98 -15.24
CA VAL C 92 -11.87 3.77 -15.17
C VAL C 92 -12.96 3.92 -14.12
N GLU C 93 -12.65 4.53 -12.97
CA GLU C 93 -13.67 4.71 -11.95
C GLU C 93 -14.82 5.57 -12.47
N GLN C 94 -14.49 6.64 -13.21
CA GLN C 94 -15.52 7.48 -13.81
C GLN C 94 -16.40 6.66 -14.76
N MET C 95 -15.78 5.83 -15.60
CA MET C 95 -16.56 5.01 -16.53
C MET C 95 -17.35 3.94 -15.80
N CYS C 96 -16.80 3.38 -14.71
CA CYS C 96 -17.52 2.36 -13.96
C CYS C 96 -18.75 2.95 -13.28
N VAL C 97 -18.65 4.17 -12.76
CA VAL C 97 -19.82 4.84 -12.17
C VAL C 97 -20.89 5.04 -13.24
N THR C 98 -20.49 5.48 -14.44
CA THR C 98 -21.45 5.64 -15.52
C THR C 98 -22.10 4.30 -15.89
N GLN C 99 -21.29 3.23 -15.91
CA GLN C 99 -21.85 1.91 -16.19
C GLN C 99 -22.83 1.49 -15.10
N TYR C 100 -22.50 1.76 -13.84
CA TYR C 100 -23.38 1.37 -12.73
C TYR C 100 -24.76 1.99 -12.87
N GLN C 101 -24.82 3.33 -12.88
CA GLN C 101 -26.12 4.00 -13.00
C GLN C 101 -26.85 3.56 -14.27
N LYS C 102 -26.10 3.12 -15.27
CA LYS C 102 -26.68 2.63 -16.52
C LYS C 102 -27.29 1.25 -16.33
N GLU C 103 -26.61 0.36 -15.60
CA GLU C 103 -27.19 -0.93 -15.26
C GLU C 103 -28.34 -0.78 -14.27
N SER C 104 -28.21 0.16 -13.33
CA SER C 104 -29.19 0.28 -12.26
C SER C 104 -30.59 0.60 -12.77
N GLN C 105 -30.70 1.35 -13.86
CA GLN C 105 -32.03 1.74 -14.34
C GLN C 105 -32.88 0.52 -14.72
N ALA C 106 -32.26 -0.62 -15.02
CA ALA C 106 -33.03 -1.81 -15.34
C ALA C 106 -33.55 -2.51 -14.10
N TYR C 107 -32.90 -2.33 -12.95
CA TYR C 107 -33.28 -3.02 -11.73
C TYR C 107 -34.37 -2.26 -10.98
N GLN D 1 -17.25 -33.24 -1.65
CA GLN D 1 -16.34 -32.11 -2.02
C GLN D 1 -15.84 -31.37 -0.77
N VAL D 2 -15.03 -30.33 -0.95
CA VAL D 2 -14.54 -29.57 0.19
C VAL D 2 -15.73 -28.94 0.91
N GLN D 3 -15.68 -28.96 2.24
CA GLN D 3 -16.76 -28.42 3.07
C GLN D 3 -16.22 -27.34 4.00
N LEU D 4 -16.98 -26.26 4.14
CA LEU D 4 -16.64 -25.16 5.03
C LEU D 4 -17.65 -25.09 6.16
N GLN D 5 -17.16 -24.85 7.37
CA GLN D 5 -18.02 -24.74 8.55
C GLN D 5 -17.63 -23.51 9.35
N GLU D 6 -18.57 -22.57 9.50
CA GLU D 6 -18.35 -21.42 10.35
C GLU D 6 -18.64 -21.78 11.81
N SER D 7 -17.93 -21.12 12.72
CA SER D 7 -18.20 -21.24 14.13
C SER D 7 -17.77 -19.95 14.82
N GLY D 8 -18.15 -19.82 16.08
CA GLY D 8 -17.74 -18.71 16.91
C GLY D 8 -18.78 -17.63 17.10
N GLY D 9 -19.91 -17.72 16.41
CA GLY D 9 -20.95 -16.72 16.56
C GLY D 9 -21.57 -16.76 17.93
N GLY D 10 -22.34 -15.72 18.23
CA GLY D 10 -23.06 -15.69 19.50
C GLY D 10 -23.60 -14.29 19.76
N LEU D 11 -23.92 -14.07 21.03
CA LEU D 11 -24.43 -12.78 21.50
C LEU D 11 -23.29 -11.98 22.12
N VAL D 12 -23.21 -10.71 21.77
CA VAL D 12 -22.21 -9.79 22.31
C VAL D 12 -22.86 -8.42 22.44
N GLN D 13 -22.47 -7.68 23.47
CA GLN D 13 -22.96 -6.32 23.62
C GLN D 13 -22.24 -5.37 22.67
N PRO D 14 -22.89 -4.27 22.29
CA PRO D 14 -22.20 -3.26 21.48
C PRO D 14 -20.88 -2.83 22.12
N GLY D 15 -19.89 -2.57 21.28
CA GLY D 15 -18.54 -2.32 21.72
C GLY D 15 -17.71 -3.57 21.96
N GLY D 16 -18.33 -4.74 22.03
CA GLY D 16 -17.63 -5.97 22.30
C GLY D 16 -16.92 -6.54 21.08
N SER D 17 -16.41 -7.76 21.25
CA SER D 17 -15.62 -8.43 20.22
C SER D 17 -16.07 -9.87 20.04
N LEU D 18 -15.86 -10.38 18.83
CA LEU D 18 -16.04 -11.80 18.55
C LEU D 18 -15.01 -12.23 17.50
N ARG D 19 -14.66 -13.52 17.55
N ARG D 19 -14.63 -13.51 17.57
CA ARG D 19 -13.69 -14.12 16.64
CA ARG D 19 -13.69 -14.10 16.62
C ARG D 19 -14.36 -15.29 15.94
C ARG D 19 -14.38 -15.28 15.95
N LEU D 20 -14.59 -15.17 14.64
CA LEU D 20 -15.21 -16.23 13.86
C LEU D 20 -14.14 -17.13 13.25
N SER D 21 -14.50 -18.40 13.05
CA SER D 21 -13.61 -19.39 12.50
C SER D 21 -14.31 -20.09 11.34
N CYS D 22 -13.56 -20.36 10.28
CA CYS D 22 -14.04 -21.10 9.12
C CYS D 22 -13.11 -22.28 8.92
N ALA D 23 -13.60 -23.48 9.18
CA ALA D 23 -12.81 -24.69 9.06
C ALA D 23 -13.15 -25.39 7.75
N ALA D 24 -12.12 -25.84 7.04
CA ALA D 24 -12.27 -26.47 5.74
C ALA D 24 -11.85 -27.92 5.83
N SER D 25 -12.69 -28.81 5.32
CA SER D 25 -12.26 -30.17 5.10
C SER D 25 -11.34 -30.21 3.89
N GLY D 26 -10.76 -31.37 3.65
CA GLY D 26 -10.02 -31.56 2.43
C GLY D 26 -8.55 -31.23 2.50
N ARG D 27 -8.01 -31.04 1.29
CA ARG D 27 -6.60 -31.19 1.03
C ARG D 27 -5.98 -30.04 0.26
N THR D 28 -6.76 -29.03 -0.12
CA THR D 28 -6.32 -27.96 -1.00
C THR D 28 -6.49 -26.57 -0.39
N PHE D 29 -6.63 -26.46 0.93
CA PHE D 29 -7.02 -25.20 1.54
C PHE D 29 -6.16 -24.03 1.05
N SER D 30 -4.84 -24.17 1.09
CA SER D 30 -3.95 -23.05 0.81
C SER D 30 -3.87 -22.68 -0.67
N SER D 31 -4.62 -23.36 -1.54
CA SER D 31 -4.57 -23.08 -2.97
C SER D 31 -5.62 -22.08 -3.42
N TYR D 32 -6.51 -21.65 -2.53
CA TYR D 32 -7.66 -20.85 -2.91
C TYR D 32 -7.76 -19.61 -2.04
N ASN D 33 -8.23 -18.52 -2.65
CA ASN D 33 -8.65 -17.35 -1.87
C ASN D 33 -9.89 -17.70 -1.06
N MET D 34 -10.10 -16.93 0.02
CA MET D 34 -11.23 -17.15 0.93
C MET D 34 -11.85 -15.80 1.28
N GLY D 35 -13.14 -15.82 1.62
CA GLY D 35 -13.83 -14.60 1.98
C GLY D 35 -14.95 -14.81 2.98
N TRP D 36 -15.46 -13.69 3.49
CA TRP D 36 -16.58 -13.67 4.43
C TRP D 36 -17.69 -12.80 3.85
N PHE D 37 -18.93 -13.29 3.92
CA PHE D 37 -20.12 -12.51 3.65
C PHE D 37 -21.02 -12.53 4.88
N ARG D 38 -22.00 -11.62 4.92
CA ARG D 38 -22.98 -11.61 5.99
C ARG D 38 -24.34 -11.27 5.43
N GLN D 39 -25.38 -11.72 6.14
CA GLN D 39 -26.77 -11.50 5.73
C GLN D 39 -27.56 -11.07 6.95
N ALA D 40 -28.04 -9.82 6.92
CA ALA D 40 -28.90 -9.30 7.97
C ALA D 40 -30.34 -9.67 7.70
N PRO D 41 -31.19 -9.67 8.74
CA PRO D 41 -32.61 -9.95 8.53
C PRO D 41 -33.21 -9.08 7.42
N GLY D 42 -33.94 -9.74 6.52
CA GLY D 42 -34.60 -9.04 5.44
C GLY D 42 -33.70 -8.51 4.36
N LYS D 43 -32.44 -8.94 4.33
CA LYS D 43 -31.48 -8.51 3.31
C LYS D 43 -30.76 -9.74 2.77
N GLY D 44 -30.01 -9.54 1.68
CA GLY D 44 -29.22 -10.61 1.11
C GLY D 44 -27.78 -10.63 1.60
N ARG D 45 -27.05 -11.66 1.18
CA ARG D 45 -25.63 -11.76 1.50
C ARG D 45 -24.87 -10.59 0.91
N GLU D 46 -24.02 -9.96 1.73
CA GLU D 46 -23.18 -8.87 1.27
C GLU D 46 -21.73 -9.15 1.68
N PHE D 47 -20.81 -8.67 0.85
CA PHE D 47 -19.39 -8.86 1.07
C PHE D 47 -18.95 -8.21 2.38
N VAL D 48 -18.11 -8.93 3.13
CA VAL D 48 -17.51 -8.42 4.36
C VAL D 48 -15.99 -8.26 4.19
N ALA D 49 -15.29 -9.33 3.85
CA ALA D 49 -13.84 -9.30 3.75
C ALA D 49 -13.36 -10.53 3.00
N SER D 50 -12.15 -10.42 2.45
CA SER D 50 -11.56 -11.51 1.68
C SER D 50 -10.05 -11.49 1.87
N ILE D 51 -9.40 -12.59 1.47
CA ILE D 51 -7.98 -12.77 1.67
C ILE D 51 -7.47 -13.79 0.66
N THR D 52 -6.29 -13.54 0.12
CA THR D 52 -5.72 -14.40 -0.90
C THR D 52 -5.24 -15.71 -0.28
N SER D 53 -4.97 -16.69 -1.16
CA SER D 53 -4.59 -18.02 -0.71
C SER D 53 -3.38 -17.98 0.22
N SER D 54 -2.39 -17.14 -0.09
CA SER D 54 -1.19 -17.05 0.73
C SER D 54 -1.35 -16.07 1.90
N GLY D 55 -2.39 -15.24 1.90
CA GLY D 55 -2.57 -14.26 2.94
C GLY D 55 -1.84 -12.96 2.71
N ASP D 56 -1.22 -12.78 1.54
CA ASP D 56 -0.43 -11.57 1.31
C ASP D 56 -1.30 -10.32 1.17
N LYS D 57 -2.53 -10.46 0.68
CA LYS D 57 -3.40 -9.30 0.51
C LYS D 57 -4.81 -9.61 0.98
N SER D 58 -5.53 -8.55 1.33
CA SER D 58 -6.84 -8.64 1.93
C SER D 58 -7.69 -7.48 1.41
N ASP D 59 -9.00 -7.60 1.64
CA ASP D 59 -9.95 -6.59 1.19
C ASP D 59 -11.11 -6.56 2.16
N TYR D 60 -11.71 -5.37 2.32
CA TYR D 60 -12.76 -5.15 3.30
C TYR D 60 -13.82 -4.23 2.72
N THR D 61 -15.07 -4.47 3.08
CA THR D 61 -16.11 -3.52 2.77
C THR D 61 -16.00 -2.31 3.69
N ASP D 62 -16.51 -1.17 3.23
CA ASP D 62 -16.21 0.09 3.89
C ASP D 62 -16.70 0.14 5.33
N SER D 63 -17.83 -0.51 5.63
CA SER D 63 -18.44 -0.40 6.94
C SER D 63 -17.69 -1.14 8.02
N VAL D 64 -16.76 -2.03 7.66
CA VAL D 64 -16.00 -2.80 8.63
C VAL D 64 -14.53 -2.43 8.68
N LYS D 65 -14.06 -1.60 7.73
CA LYS D 65 -12.65 -1.21 7.70
C LYS D 65 -12.20 -0.64 9.05
N GLY D 66 -11.07 -1.14 9.53
CA GLY D 66 -10.52 -0.70 10.80
C GLY D 66 -11.12 -1.36 12.02
N ARG D 67 -12.21 -2.10 11.86
CA ARG D 67 -12.84 -2.84 12.95
C ARG D 67 -12.68 -4.34 12.83
N PHE D 68 -12.71 -4.88 11.61
CA PHE D 68 -12.57 -6.31 11.36
C PHE D 68 -11.20 -6.62 10.79
N THR D 69 -10.67 -7.80 11.12
CA THR D 69 -9.40 -8.27 10.61
C THR D 69 -9.56 -9.71 10.14
N ILE D 70 -9.32 -9.94 8.86
CA ILE D 70 -9.37 -11.29 8.29
C ILE D 70 -7.97 -11.87 8.32
N SER D 71 -7.89 -13.18 8.51
CA SER D 71 -6.61 -13.87 8.54
C SER D 71 -6.85 -15.35 8.29
N ARG D 72 -5.77 -16.09 8.14
CA ARG D 72 -5.86 -17.52 7.87
C ARG D 72 -4.61 -18.21 8.34
N ASP D 73 -4.76 -19.48 8.72
CA ASP D 73 -3.67 -20.36 9.11
C ASP D 73 -3.74 -21.55 8.17
N ASN D 74 -2.97 -21.49 7.08
CA ASN D 74 -3.04 -22.55 6.08
C ASN D 74 -2.61 -23.89 6.64
N ALA D 75 -1.90 -23.91 7.76
CA ALA D 75 -1.53 -25.17 8.39
C ALA D 75 -2.72 -25.83 9.07
N LYS D 76 -3.67 -25.05 9.56
CA LYS D 76 -4.83 -25.56 10.28
C LYS D 76 -6.09 -25.66 9.42
N ASN D 77 -5.99 -25.36 8.12
CA ASN D 77 -7.16 -25.37 7.25
C ASN D 77 -8.28 -24.48 7.82
N THR D 78 -7.88 -23.34 8.40
CA THR D 78 -8.82 -22.47 9.09
C THR D 78 -8.58 -21.02 8.68
N MET D 79 -9.69 -20.29 8.51
CA MET D 79 -9.68 -18.85 8.29
C MET D 79 -10.40 -18.20 9.46
N TYR D 80 -9.97 -16.98 9.81
CA TYR D 80 -10.51 -16.27 10.95
C TYR D 80 -11.03 -14.90 10.56
N LEU D 81 -11.98 -14.39 11.35
CA LEU D 81 -12.45 -13.02 11.25
C LEU D 81 -12.52 -12.44 12.67
N GLN D 82 -11.63 -11.51 12.98
CA GLN D 82 -11.64 -10.83 14.27
C GLN D 82 -12.45 -9.55 14.16
N MET D 83 -13.53 -9.45 14.94
CA MET D 83 -14.45 -8.33 14.89
C MET D 83 -14.37 -7.58 16.22
N ASN D 84 -13.96 -6.31 16.16
CA ASN D 84 -13.91 -5.46 17.33
C ASN D 84 -14.84 -4.26 17.14
N ASN D 85 -15.13 -3.58 18.24
N ASN D 85 -15.10 -3.58 18.25
CA ASN D 85 -16.00 -2.40 18.20
CA ASN D 85 -16.02 -2.43 18.28
C ASN D 85 -17.34 -2.72 17.54
C ASN D 85 -17.30 -2.75 17.53
N LEU D 86 -17.89 -3.90 17.84
CA LEU D 86 -19.10 -4.34 17.19
C LEU D 86 -20.25 -3.38 17.46
N LYS D 87 -21.15 -3.29 16.48
CA LYS D 87 -22.29 -2.40 16.48
C LYS D 87 -23.58 -3.20 16.27
N PRO D 88 -24.71 -2.67 16.71
CA PRO D 88 -25.98 -3.39 16.51
C PRO D 88 -26.25 -3.76 15.06
N GLU D 89 -25.81 -2.96 14.11
CA GLU D 89 -26.05 -3.26 12.70
C GLU D 89 -25.04 -4.25 12.12
N ASP D 90 -24.15 -4.79 12.95
CA ASP D 90 -23.34 -5.94 12.57
C ASP D 90 -24.07 -7.25 12.82
N THR D 91 -25.25 -7.21 13.44
CA THR D 91 -26.07 -8.40 13.61
C THR D 91 -26.40 -8.99 12.25
N ALA D 92 -26.06 -10.26 12.06
CA ALA D 92 -26.29 -10.94 10.79
C ALA D 92 -25.84 -12.38 10.92
N THR D 93 -26.23 -13.19 9.94
CA THR D 93 -25.61 -14.49 9.74
C THR D 93 -24.36 -14.30 8.89
N TYR D 94 -23.25 -14.86 9.35
CA TYR D 94 -21.96 -14.71 8.68
C TYR D 94 -21.59 -16.02 7.99
N TYR D 95 -21.27 -15.92 6.70
CA TYR D 95 -20.89 -17.08 5.89
C TYR D 95 -19.45 -16.94 5.46
N CYS D 96 -18.73 -18.07 5.42
CA CYS D 96 -17.43 -18.11 4.76
C CYS D 96 -17.57 -18.88 3.45
N ALA D 97 -16.65 -18.60 2.53
CA ALA D 97 -16.76 -19.14 1.18
C ALA D 97 -15.37 -19.19 0.56
N ARG D 98 -15.27 -19.99 -0.50
CA ARG D 98 -14.00 -20.20 -1.19
C ARG D 98 -13.99 -19.38 -2.48
N GLY D 99 -12.90 -18.63 -2.68
CA GLY D 99 -12.84 -17.76 -3.83
C GLY D 99 -12.83 -18.53 -5.14
N LEU D 100 -13.53 -17.99 -6.13
CA LEU D 100 -13.49 -18.47 -7.51
C LEU D 100 -12.54 -17.58 -8.30
N GLY D 101 -11.64 -18.20 -9.05
CA GLY D 101 -10.64 -17.44 -9.76
C GLY D 101 -9.52 -16.99 -8.85
N ILE D 102 -8.61 -16.19 -9.41
CA ILE D 102 -7.39 -15.80 -8.71
C ILE D 102 -7.47 -14.40 -8.12
N TYR D 103 -8.55 -13.66 -8.36
CA TYR D 103 -8.68 -12.29 -7.89
C TYR D 103 -9.78 -12.22 -6.84
N ILE D 104 -9.44 -11.80 -5.64
CA ILE D 104 -10.46 -11.57 -4.61
C ILE D 104 -11.31 -10.38 -5.05
N ILE D 105 -12.62 -10.60 -5.18
CA ILE D 105 -13.55 -9.54 -5.55
C ILE D 105 -14.64 -9.46 -4.49
N ARG D 106 -15.57 -8.52 -4.67
CA ARG D 106 -16.64 -8.29 -3.69
C ARG D 106 -17.99 -8.81 -4.15
N ALA D 107 -18.15 -9.14 -5.43
CA ALA D 107 -19.42 -9.66 -5.92
C ALA D 107 -19.75 -10.99 -5.25
N ARG D 108 -21.04 -11.22 -5.04
CA ARG D 108 -21.51 -12.51 -4.56
C ARG D 108 -21.00 -13.64 -5.45
N GLY D 109 -20.89 -13.40 -6.75
CA GLY D 109 -20.47 -14.41 -7.69
C GLY D 109 -18.99 -14.74 -7.68
N GLY D 110 -18.21 -14.08 -6.83
CA GLY D 110 -16.80 -14.39 -6.73
C GLY D 110 -16.43 -15.54 -5.82
N TYR D 111 -17.42 -16.25 -5.26
CA TYR D 111 -17.17 -17.24 -4.23
C TYR D 111 -18.20 -18.36 -4.35
N ASP D 112 -17.82 -19.55 -3.88
CA ASP D 112 -18.74 -20.68 -3.81
C ASP D 112 -18.38 -21.51 -2.58
N HIS D 113 -18.90 -22.73 -2.51
CA HIS D 113 -18.70 -23.61 -1.34
C HIS D 113 -19.13 -22.92 -0.05
N TRP D 114 -20.24 -22.19 -0.13
CA TRP D 114 -20.75 -21.46 1.02
C TRP D 114 -21.00 -22.39 2.20
N GLY D 115 -20.46 -22.03 3.36
CA GLY D 115 -20.80 -22.69 4.59
C GLY D 115 -22.25 -22.44 5.00
N GLN D 116 -22.69 -23.15 6.03
CA GLN D 116 -24.06 -23.01 6.50
C GLN D 116 -24.29 -21.70 7.24
N GLY D 117 -23.26 -21.11 7.79
CA GLY D 117 -23.37 -19.80 8.41
C GLY D 117 -23.47 -19.90 9.93
N THR D 118 -23.06 -18.81 10.59
CA THR D 118 -23.18 -18.69 12.04
C THR D 118 -23.79 -17.33 12.37
N GLN D 119 -24.58 -17.30 13.45
CA GLN D 119 -25.36 -16.13 13.80
C GLN D 119 -24.60 -15.25 14.78
N VAL D 120 -24.54 -13.96 14.49
CA VAL D 120 -23.93 -12.95 15.36
C VAL D 120 -25.00 -11.94 15.72
N THR D 121 -25.25 -11.78 17.02
CA THR D 121 -26.23 -10.83 17.52
C THR D 121 -25.53 -9.82 18.42
N VAL D 122 -25.61 -8.55 18.06
CA VAL D 122 -24.99 -7.47 18.83
C VAL D 122 -26.10 -6.67 19.47
N SER D 123 -26.31 -6.89 20.77
CA SER D 123 -27.31 -6.14 21.51
C SER D 123 -26.97 -6.21 23.00
N SER D 124 -27.56 -5.29 23.77
CA SER D 124 -27.31 -5.21 25.19
C SER D 124 -28.39 -5.88 26.03
N HIS D 125 -29.57 -6.07 25.47
CA HIS D 125 -30.67 -6.71 26.18
C HIS D 125 -30.32 -8.15 26.55
CL CL E . 22.26 27.43 16.48
S SO4 F . 25.84 18.43 3.18
O1 SO4 F . 27.18 18.06 3.62
O2 SO4 F . 25.42 17.52 2.12
O3 SO4 F . 24.91 18.34 4.29
O4 SO4 F . 25.88 19.80 2.67
CL CL G . 31.20 16.16 -8.65
C1 GOL H . -34.19 1.05 -10.59
O1 GOL H . -33.70 0.57 -9.36
C2 GOL H . -35.73 1.21 -10.46
O2 GOL H . -36.16 0.96 -9.15
C3 GOL H . -36.33 0.21 -11.45
O3 GOL H . -37.55 0.76 -11.89
H11 GOL H . -34.00 0.44 -11.32
H12 GOL H . -33.80 1.89 -10.84
HO1 GOL H . -34.39 0.42 -8.87
H2 GOL H . -35.98 2.11 -10.68
HO2 GOL H . -37.00 1.14 -9.12
H31 GOL H . -36.44 -0.65 -11.02
H32 GOL H . -35.70 0.05 -12.17
HO3 GOL H . -37.88 0.22 -12.45
S SO4 I . -9.90 19.84 -23.20
O1 SO4 I . -8.71 19.02 -23.33
O2 SO4 I . -11.07 18.99 -22.98
O3 SO4 I . -10.10 20.61 -24.43
O4 SO4 I . -9.76 20.76 -22.08
NA NA J . -21.67 -15.46 -10.69
S SO4 K . -13.68 -29.67 -4.82
O1 SO4 K . -13.04 -30.15 -3.59
O2 SO4 K . -13.74 -30.76 -5.78
O3 SO4 K . -15.02 -29.19 -4.52
O4 SO4 K . -12.89 -28.57 -5.37
S SO4 L . -23.25 -23.15 -7.73
O1 SO4 L . -22.26 -23.97 -8.42
O2 SO4 L . -24.47 -23.92 -7.53
O3 SO4 L . -23.55 -21.97 -8.53
O4 SO4 L . -22.75 -22.75 -6.41
CL CL M . -21.94 -23.90 -3.68
#